data_9R59
#
_entry.id   9R59
#
_cell.length_a   102.745
_cell.length_b   102.745
_cell.length_c   167.683
_cell.angle_alpha   90.00
_cell.angle_beta   90.00
_cell.angle_gamma   120.00
#
_symmetry.space_group_name_H-M   'P 63 2 2'
#
loop_
_entity.id
_entity.type
_entity.pdbx_description
1 polymer 'MAP kinase-activated protein kinase 2'
2 non-polymer 5-[3-[bis(oxidanyl)-$l^{3}-sulfanyl]oxy-4-chloranyl-phenyl]-~{N}-(4-piperazin-1-ylphenyl)-~{N}-(pyridin-2-ylmethyl)furan-2-carboxamide
3 water water
#
_entity_poly.entity_id   1
_entity_poly.type   'polypeptide(L)'
_entity_poly.pdbx_seq_one_letter_code
;GHMVKSGLQIKKNAIIDDYKVTSQVLGLGINGKVLQIFNKRTQEKFALKMLQDCPKARREVELHWRASQCPHIVRIVDVY
ENLYAGRKCLLIVMECLDGGELFSRIQDRGDQAFTEREASEIMKSIGEAIQYLHSINIAHRDVKPENLLYTSKRPNAILK
LTDFGFAKETTGHNSLTTPCYTPYYVAPEVLGPEKYDKSCDMWSLGVIMYILLCGYPPFYSNHGLAISPGMKTRIRMGQY
EFPNPEWSEVSEEVKMLIRNLLKTEPTQRMTITEFMNHPWIMQSTKVPQTPLHTSRVLKEDKERWEDVKEEMTSALATMR
;
_entity_poly.pdbx_strand_id   A
#
# COMPACT_ATOMS: atom_id res chain seq x y z
N MET A 3 20.52 16.58 -2.55
CA MET A 3 20.14 16.71 -1.12
C MET A 3 19.09 17.83 -0.95
N VAL A 4 19.02 18.80 -1.87
CA VAL A 4 18.04 19.90 -1.81
C VAL A 4 16.96 19.73 -2.88
N LYS A 5 15.71 19.47 -2.45
CA LYS A 5 14.59 19.29 -3.37
C LYS A 5 13.64 20.49 -3.23
N SER A 6 13.01 20.88 -4.35
CA SER A 6 12.12 22.04 -4.39
C SER A 6 10.81 21.79 -3.66
N GLY A 7 10.12 22.88 -3.34
CA GLY A 7 8.87 22.85 -2.60
C GLY A 7 7.67 22.73 -3.54
N LEU A 8 6.50 22.53 -2.90
CA LEU A 8 5.25 22.28 -3.59
C LEU A 8 4.71 23.58 -4.17
N GLN A 9 4.42 23.57 -5.47
CA GLN A 9 3.82 24.71 -6.13
C GLN A 9 2.44 24.33 -6.59
N ILE A 10 1.41 24.79 -5.88
CA ILE A 10 0.05 24.52 -6.32
C ILE A 10 -0.34 25.54 -7.39
N LYS A 11 -0.60 25.07 -8.61
CA LYS A 11 -0.96 25.96 -9.70
C LYS A 11 -2.39 26.46 -9.49
N LYS A 12 -2.60 27.72 -9.82
CA LYS A 12 -3.87 28.38 -9.64
C LYS A 12 -4.68 28.39 -10.94
N ASN A 13 -4.00 28.28 -12.10
CA ASN A 13 -4.66 28.40 -13.39
C ASN A 13 -5.54 27.19 -13.68
N ALA A 14 -6.61 27.37 -14.46
CA ALA A 14 -7.61 26.32 -14.62
C ALA A 14 -6.94 25.08 -15.22
N ILE A 15 -7.28 23.89 -14.72
CA ILE A 15 -6.59 22.67 -15.10
C ILE A 15 -6.75 22.41 -16.60
N ILE A 16 -7.87 22.85 -17.19
CA ILE A 16 -8.18 22.51 -18.56
C ILE A 16 -7.36 23.33 -19.53
N ASP A 17 -6.54 24.27 -19.06
CA ASP A 17 -5.54 24.91 -19.90
C ASP A 17 -4.43 23.93 -20.20
N ASP A 18 -4.28 22.93 -19.33
CA ASP A 18 -3.10 22.08 -19.33
C ASP A 18 -3.48 20.65 -19.75
N TYR A 19 -4.74 20.23 -19.54
CA TYR A 19 -5.12 18.83 -19.67
C TYR A 19 -6.51 18.72 -20.29
N LYS A 20 -6.66 17.80 -21.25
CA LYS A 20 -7.95 17.41 -21.79
C LYS A 20 -8.68 16.67 -20.68
N VAL A 21 -9.80 17.24 -20.20
CA VAL A 21 -10.63 16.64 -19.16
C VAL A 21 -12.03 16.41 -19.72
N THR A 22 -12.61 17.47 -20.32
CA THR A 22 -13.86 17.43 -21.06
C THR A 22 -15.06 17.59 -20.11
N SER A 23 -14.84 18.12 -18.89
CA SER A 23 -15.91 18.46 -17.98
C SER A 23 -16.74 17.25 -17.50
N GLN A 24 -16.21 16.04 -17.66
CA GLN A 24 -16.83 14.85 -17.09
C GLN A 24 -16.45 14.74 -15.60
N VAL A 25 -15.80 15.79 -15.10
CA VAL A 25 -15.30 15.89 -13.73
C VAL A 25 -16.49 16.13 -12.78
N GLY A 32 -15.01 11.26 -4.79
CA GLY A 32 -13.71 11.45 -5.45
C GLY A 32 -13.23 10.22 -6.24
N LYS A 33 -14.10 9.66 -7.10
CA LYS A 33 -13.73 8.65 -8.09
C LYS A 33 -12.63 9.22 -9.00
N VAL A 34 -11.64 8.39 -9.37
CA VAL A 34 -10.43 8.88 -10.03
C VAL A 34 -10.54 8.76 -11.55
N LEU A 35 -10.07 9.79 -12.26
CA LEU A 35 -10.36 9.96 -13.68
C LEU A 35 -9.06 9.87 -14.48
N GLN A 36 -9.15 9.43 -15.73
CA GLN A 36 -8.01 9.42 -16.63
C GLN A 36 -8.11 10.67 -17.49
N ILE A 37 -7.04 11.47 -17.57
CA ILE A 37 -6.99 12.73 -18.31
C ILE A 37 -5.75 12.70 -19.20
N PHE A 38 -5.51 13.76 -20.00
CA PHE A 38 -4.38 13.82 -20.92
C PHE A 38 -3.68 15.19 -20.88
N ASN A 39 -2.37 15.20 -20.69
CA ASN A 39 -1.57 16.38 -20.89
C ASN A 39 -1.67 16.85 -22.33
N LYS A 40 -1.94 18.14 -22.59
CA LYS A 40 -2.14 18.61 -23.95
C LYS A 40 -0.82 18.70 -24.72
N ARG A 41 0.20 19.34 -24.14
CA ARG A 41 1.55 19.35 -24.71
C ARG A 41 1.95 17.92 -25.09
N THR A 42 2.10 17.03 -24.10
CA THR A 42 2.75 15.74 -24.33
C THR A 42 1.74 14.67 -24.73
N GLN A 43 0.44 14.91 -24.56
CA GLN A 43 -0.56 13.90 -24.92
C GLN A 43 -0.47 12.61 -24.09
N GLU A 44 0.44 12.55 -23.11
CA GLU A 44 0.51 11.44 -22.16
C GLU A 44 -0.78 11.39 -21.32
N LYS A 45 -1.07 10.20 -20.78
CA LYS A 45 -2.21 9.98 -19.90
C LYS A 45 -1.79 10.08 -18.44
N PHE A 46 -2.71 10.51 -17.58
CA PHE A 46 -2.44 10.64 -16.16
C PHE A 46 -3.72 10.34 -15.40
N ALA A 47 -3.66 10.42 -14.06
CA ALA A 47 -4.82 10.29 -13.22
C ALA A 47 -5.07 11.57 -12.42
N LEU A 48 -6.30 11.71 -11.85
CA LEU A 48 -6.71 12.89 -11.10
C LEU A 48 -7.85 12.62 -10.12
N LYS A 49 -7.59 12.46 -8.82
CA LYS A 49 -7.17 13.46 -7.81
C LYS A 49 -8.13 14.64 -7.73
N MET A 50 -9.22 14.51 -6.99
CA MET A 50 -10.11 15.63 -6.75
C MET A 50 -10.50 15.65 -5.27
N LEU A 51 -10.04 16.67 -4.55
CA LEU A 51 -10.31 16.80 -3.12
C LEU A 51 -10.96 18.13 -2.84
N GLN A 52 -11.44 18.27 -1.60
CA GLN A 52 -12.09 19.48 -1.16
C GLN A 52 -11.01 20.29 -0.48
N ASP A 53 -10.64 21.45 -1.05
CA ASP A 53 -9.62 22.27 -0.43
C ASP A 53 -10.01 22.48 1.03
N CYS A 54 -9.08 22.11 1.89
CA CYS A 54 -9.31 22.20 3.35
C CYS A 54 -7.92 22.11 3.99
N PRO A 55 -7.66 22.79 5.10
CA PRO A 55 -6.38 22.65 5.76
C PRO A 55 -5.79 21.25 5.70
N LYS A 56 -6.60 20.24 6.02
CA LYS A 56 -6.14 18.86 6.06
C LYS A 56 -5.74 18.38 4.67
N ALA A 57 -6.63 18.58 3.69
CA ALA A 57 -6.31 18.20 2.33
C ALA A 57 -4.88 18.67 2.04
N ARG A 58 -4.61 19.95 2.30
CA ARG A 58 -3.31 20.52 2.04
C ARG A 58 -2.17 19.81 2.80
N ARG A 59 -2.37 19.41 4.05
CA ARG A 59 -1.23 18.81 4.78
C ARG A 59 -0.86 17.49 4.11
N GLU A 60 -1.87 16.71 3.72
CA GLU A 60 -1.63 15.40 3.07
C GLU A 60 -0.90 15.60 1.75
N VAL A 61 -1.39 16.48 0.89
CA VAL A 61 -0.75 16.71 -0.38
C VAL A 61 0.70 17.11 -0.13
N GLU A 62 0.91 18.04 0.81
CA GLU A 62 2.25 18.44 1.20
C GLU A 62 3.07 17.17 1.44
N LEU A 63 2.58 16.30 2.33
CA LEU A 63 3.36 15.15 2.77
C LEU A 63 3.62 14.22 1.60
N HIS A 64 2.57 13.95 0.84
CA HIS A 64 2.67 13.22 -0.42
C HIS A 64 3.70 13.87 -1.36
N TRP A 65 3.70 15.20 -1.47
CA TRP A 65 4.66 15.85 -2.34
C TRP A 65 6.08 15.48 -1.88
N ARG A 66 6.31 15.43 -0.58
CA ARG A 66 7.68 15.18 -0.07
C ARG A 66 8.08 13.71 -0.32
N ALA A 67 7.18 12.89 -0.85
CA ALA A 67 7.45 11.47 -0.99
C ALA A 67 7.32 10.99 -2.44
N SER A 68 6.86 11.86 -3.36
CA SER A 68 6.51 11.46 -4.72
C SER A 68 7.68 10.78 -5.39
N GLN A 69 8.88 11.27 -5.05
CA GLN A 69 10.10 10.82 -5.68
C GLN A 69 10.30 9.31 -5.49
N CYS A 70 9.92 8.75 -4.33
CA CYS A 70 10.13 7.35 -3.99
C CYS A 70 9.56 6.44 -5.08
N PRO A 71 10.42 5.61 -5.71
CA PRO A 71 9.97 4.68 -6.75
C PRO A 71 8.80 3.76 -6.40
N HIS A 72 8.48 3.63 -5.11
CA HIS A 72 7.41 2.72 -4.75
C HIS A 72 6.30 3.47 -4.04
N ILE A 73 6.20 4.78 -4.37
CA ILE A 73 5.09 5.64 -4.01
C ILE A 73 4.60 6.32 -5.28
N VAL A 74 3.27 6.38 -5.40
CA VAL A 74 2.65 7.00 -6.55
C VAL A 74 3.12 8.46 -6.62
N ARG A 75 3.58 8.86 -7.81
CA ARG A 75 4.15 10.18 -7.99
C ARG A 75 3.05 11.20 -8.29
N ILE A 76 3.19 12.37 -7.65
CA ILE A 76 2.43 13.56 -8.01
C ILE A 76 3.12 14.28 -9.16
N VAL A 77 2.37 14.54 -10.24
CA VAL A 77 2.87 15.31 -11.38
C VAL A 77 2.62 16.80 -11.18
N ASP A 78 1.44 17.16 -10.65
CA ASP A 78 0.99 18.53 -10.61
C ASP A 78 -0.16 18.64 -9.62
N VAL A 79 -0.35 19.82 -9.02
CA VAL A 79 -1.48 20.07 -8.14
C VAL A 79 -2.12 21.40 -8.52
N TYR A 80 -3.46 21.42 -8.59
CA TYR A 80 -4.16 22.64 -8.94
C TYR A 80 -5.15 23.01 -7.85
N GLU A 81 -5.26 24.32 -7.60
CA GLU A 81 -6.34 24.89 -6.82
C GLU A 81 -7.26 25.58 -7.80
N ASN A 82 -8.48 25.03 -7.94
CA ASN A 82 -9.46 25.45 -8.92
C ASN A 82 -10.82 25.45 -8.24
N LEU A 83 -11.79 26.13 -8.88
CA LEU A 83 -13.19 26.18 -8.46
C LEU A 83 -14.00 25.17 -9.29
N TYR A 84 -14.62 24.21 -8.63
CA TYR A 84 -15.51 23.30 -9.34
C TYR A 84 -16.91 23.47 -8.78
N ALA A 85 -17.79 24.12 -9.56
CA ALA A 85 -19.11 24.49 -9.08
C ALA A 85 -18.97 25.26 -7.78
N GLY A 86 -18.17 26.33 -7.86
CA GLY A 86 -17.81 27.16 -6.73
C GLY A 86 -17.58 26.37 -5.44
N ARG A 87 -16.89 25.23 -5.57
CA ARG A 87 -16.31 24.53 -4.45
C ARG A 87 -14.79 24.61 -4.64
N LYS A 88 -14.06 25.16 -3.67
CA LYS A 88 -12.60 25.23 -3.79
C LYS A 88 -12.09 23.78 -3.71
N CYS A 89 -11.30 23.38 -4.73
CA CYS A 89 -10.82 22.00 -4.89
C CYS A 89 -9.30 21.93 -5.10
N LEU A 90 -8.68 20.92 -4.45
CA LEU A 90 -7.37 20.46 -4.87
C LEU A 90 -7.59 19.36 -5.90
N LEU A 91 -7.06 19.63 -7.11
CA LEU A 91 -6.92 18.64 -8.16
C LEU A 91 -5.48 18.17 -8.20
N ILE A 92 -5.31 16.86 -7.99
CA ILE A 92 -4.01 16.23 -7.83
C ILE A 92 -3.81 15.32 -9.03
N VAL A 93 -2.79 15.64 -9.83
CA VAL A 93 -2.44 14.83 -10.98
C VAL A 93 -1.34 13.86 -10.57
N MET A 94 -1.55 12.57 -10.87
CA MET A 94 -0.58 11.52 -10.60
C MET A 94 -0.49 10.61 -11.83
N GLU A 95 0.62 9.85 -11.90
CA GLU A 95 0.87 8.84 -12.92
C GLU A 95 -0.24 7.79 -12.90
N CYS A 96 -0.63 7.23 -14.06
CA CYS A 96 -1.66 6.21 -14.05
C CYS A 96 -1.12 4.95 -13.40
N LEU A 97 -2.03 4.27 -12.67
CA LEU A 97 -1.78 2.96 -12.07
C LEU A 97 -2.89 2.02 -12.54
N ASP A 98 -2.61 1.29 -13.62
CA ASP A 98 -3.61 0.45 -14.26
C ASP A 98 -3.41 -1.01 -13.92
N GLY A 99 -2.49 -1.32 -13.02
CA GLY A 99 -2.14 -2.71 -12.75
C GLY A 99 -3.13 -3.40 -11.82
N GLY A 100 -3.99 -2.63 -11.14
CA GLY A 100 -4.84 -3.17 -10.10
C GLY A 100 -4.14 -3.28 -8.75
N GLU A 101 -4.88 -3.85 -7.78
CA GLU A 101 -4.47 -3.99 -6.40
C GLU A 101 -3.58 -5.21 -6.22
N LEU A 102 -2.61 -5.13 -5.31
CA LEU A 102 -1.60 -6.17 -5.14
C LEU A 102 -2.22 -7.56 -5.09
N PHE A 103 -3.23 -7.74 -4.22
CA PHE A 103 -3.79 -9.04 -3.95
C PHE A 103 -4.70 -9.53 -5.08
N SER A 104 -5.14 -8.64 -5.98
CA SER A 104 -6.07 -9.05 -7.01
C SER A 104 -5.27 -9.81 -8.06
N ARG A 105 -4.14 -9.20 -8.41
CA ARG A 105 -3.18 -9.82 -9.29
C ARG A 105 -2.89 -11.25 -8.85
N ILE A 106 -2.50 -11.39 -7.57
CA ILE A 106 -2.10 -12.67 -7.01
C ILE A 106 -3.24 -13.66 -7.11
N GLN A 107 -4.44 -13.23 -6.70
CA GLN A 107 -5.62 -14.07 -6.72
C GLN A 107 -5.93 -14.60 -8.13
N ASP A 108 -5.71 -13.80 -9.17
CA ASP A 108 -6.14 -14.13 -10.53
C ASP A 108 -5.12 -14.95 -11.32
N ARG A 109 -4.05 -15.41 -10.69
CA ARG A 109 -3.13 -16.26 -11.43
C ARG A 109 -3.87 -17.52 -11.89
N GLY A 110 -3.76 -17.81 -13.19
CA GLY A 110 -4.41 -18.95 -13.79
C GLY A 110 -3.99 -20.26 -13.13
N ASP A 111 -2.67 -20.42 -12.90
CA ASP A 111 -2.09 -21.64 -12.34
C ASP A 111 -2.20 -21.65 -10.82
N GLN A 112 -2.38 -20.46 -10.21
CA GLN A 112 -2.51 -20.29 -8.77
C GLN A 112 -1.25 -20.66 -8.00
N ALA A 113 -0.08 -20.24 -8.50
CA ALA A 113 1.20 -20.73 -8.01
C ALA A 113 2.13 -19.57 -7.61
N PHE A 114 2.03 -19.16 -6.34
CA PHE A 114 2.81 -18.08 -5.74
C PHE A 114 3.91 -18.68 -4.85
N THR A 115 5.08 -18.03 -4.75
CA THR A 115 6.20 -18.60 -3.98
C THR A 115 6.64 -17.63 -2.87
N GLU A 116 7.12 -18.21 -1.77
CA GLU A 116 7.79 -17.46 -0.71
C GLU A 116 8.66 -16.36 -1.30
N ARG A 117 9.40 -16.67 -2.37
CA ARG A 117 10.36 -15.71 -2.89
C ARG A 117 9.60 -14.48 -3.38
N GLU A 118 8.52 -14.70 -4.15
CA GLU A 118 7.77 -13.59 -4.72
C GLU A 118 7.22 -12.70 -3.60
N ALA A 119 6.80 -13.34 -2.51
CA ALA A 119 6.31 -12.68 -1.31
C ALA A 119 7.40 -11.80 -0.70
N SER A 120 8.61 -12.36 -0.59
CA SER A 120 9.76 -11.60 -0.12
C SER A 120 9.95 -10.35 -0.96
N GLU A 121 9.94 -10.52 -2.30
CA GLU A 121 10.22 -9.43 -3.22
C GLU A 121 9.21 -8.30 -3.03
N ILE A 122 7.92 -8.65 -3.04
CA ILE A 122 6.84 -7.68 -2.82
C ILE A 122 7.10 -6.93 -1.53
N MET A 123 7.28 -7.67 -0.43
CA MET A 123 7.45 -7.07 0.87
C MET A 123 8.62 -6.07 0.87
N LYS A 124 9.67 -6.35 0.10
CA LYS A 124 10.76 -5.40 -0.06
C LYS A 124 10.30 -4.12 -0.76
N SER A 125 9.57 -4.24 -1.87
CA SER A 125 8.97 -3.09 -2.53
C SER A 125 8.23 -2.24 -1.51
N ILE A 126 7.41 -2.86 -0.67
CA ILE A 126 6.58 -2.09 0.23
C ILE A 126 7.46 -1.51 1.32
N GLY A 127 8.43 -2.30 1.79
CA GLY A 127 9.35 -1.84 2.82
C GLY A 127 10.05 -0.55 2.41
N GLU A 128 10.47 -0.51 1.14
CA GLU A 128 11.21 0.61 0.60
C GLU A 128 10.40 1.89 0.76
N ALA A 129 9.15 1.84 0.32
CA ALA A 129 8.24 2.96 0.48
C ALA A 129 8.26 3.44 1.92
N ILE A 130 8.11 2.50 2.88
CA ILE A 130 7.89 2.88 4.27
C ILE A 130 9.20 3.43 4.82
N GLN A 131 10.31 2.88 4.34
CA GLN A 131 11.60 3.39 4.76
C GLN A 131 11.82 4.83 4.30
N TYR A 132 11.49 5.13 3.04
CA TYR A 132 11.62 6.50 2.58
C TYR A 132 10.87 7.42 3.55
N LEU A 133 9.60 7.11 3.76
CA LEU A 133 8.72 7.90 4.60
C LEU A 133 9.29 8.04 6.01
N HIS A 134 9.44 6.90 6.69
CA HIS A 134 9.82 6.92 8.10
C HIS A 134 11.11 7.72 8.29
N SER A 135 11.99 7.71 7.30
CA SER A 135 13.28 8.35 7.47
C SER A 135 13.15 9.87 7.29
N ILE A 136 12.11 10.32 6.57
CA ILE A 136 11.78 11.75 6.61
C ILE A 136 10.67 12.01 7.64
N ASN A 137 10.52 11.15 8.64
CA ASN A 137 9.58 11.33 9.74
C ASN A 137 8.18 11.67 9.26
N ILE A 138 7.70 10.84 8.34
CA ILE A 138 6.30 10.78 7.99
C ILE A 138 5.82 9.37 8.24
N ALA A 139 4.56 9.26 8.66
CA ALA A 139 3.87 8.01 8.91
C ALA A 139 2.65 7.95 8.03
N HIS A 140 2.41 6.81 7.40
CA HIS A 140 1.36 6.69 6.40
C HIS A 140 0.01 6.40 7.06
N ARG A 141 0.01 5.37 7.92
CA ARG A 141 -1.05 5.11 8.87
C ARG A 141 -2.29 4.56 8.17
N ASP A 142 -2.14 4.20 6.89
CA ASP A 142 -3.26 3.59 6.18
C ASP A 142 -2.70 2.59 5.18
N VAL A 143 -1.74 1.77 5.64
CA VAL A 143 -1.10 0.82 4.77
C VAL A 143 -1.97 -0.44 4.74
N LYS A 144 -2.72 -0.62 3.65
CA LYS A 144 -3.59 -1.78 3.50
C LYS A 144 -3.72 -2.14 2.01
N PRO A 145 -4.34 -3.31 1.71
CA PRO A 145 -4.49 -3.77 0.34
C PRO A 145 -4.93 -2.78 -0.73
N GLU A 146 -6.01 -2.04 -0.48
CA GLU A 146 -6.56 -1.14 -1.47
C GLU A 146 -5.57 -0.04 -1.83
N ASN A 147 -4.51 0.13 -1.02
CA ASN A 147 -3.57 1.24 -1.18
C ASN A 147 -2.25 0.76 -1.78
N LEU A 148 -2.24 -0.48 -2.29
CA LEU A 148 -1.06 -1.00 -2.96
C LEU A 148 -1.43 -1.39 -4.38
N LEU A 149 -1.04 -0.56 -5.36
CA LEU A 149 -1.53 -0.68 -6.73
C LEU A 149 -0.33 -0.77 -7.66
N TYR A 150 -0.54 -1.43 -8.81
CA TYR A 150 0.54 -1.66 -9.76
C TYR A 150 0.49 -0.68 -10.92
N THR A 151 1.65 -0.37 -11.51
CA THR A 151 1.66 0.61 -12.59
C THR A 151 0.84 0.08 -13.76
N SER A 152 1.30 -1.05 -14.33
CA SER A 152 0.74 -1.66 -15.52
C SER A 152 0.17 -3.03 -15.17
N LYS A 153 -0.70 -3.55 -16.07
CA LYS A 153 -1.27 -4.90 -15.97
C LYS A 153 -0.15 -5.92 -16.18
N ARG A 154 1.02 -5.45 -16.62
CA ARG A 154 2.11 -6.34 -17.00
C ARG A 154 2.78 -7.07 -15.84
N PRO A 155 3.21 -8.33 -16.08
CA PRO A 155 4.06 -9.09 -15.15
C PRO A 155 5.27 -8.45 -14.49
N ASN A 156 5.78 -7.36 -15.05
CA ASN A 156 7.05 -6.77 -14.62
C ASN A 156 6.78 -5.32 -14.20
N ALA A 157 5.54 -5.07 -13.73
CA ALA A 157 5.09 -3.74 -13.32
C ALA A 157 5.65 -3.40 -11.95
N ILE A 158 5.36 -2.17 -11.47
CA ILE A 158 5.88 -1.68 -10.21
C ILE A 158 4.74 -1.35 -9.26
N LEU A 159 4.99 -1.64 -7.98
CA LEU A 159 4.05 -1.41 -6.90
C LEU A 159 4.21 0.01 -6.36
N LYS A 160 3.09 0.69 -6.19
CA LYS A 160 3.11 2.02 -5.64
C LYS A 160 2.12 2.07 -4.49
N LEU A 161 2.53 2.77 -3.42
CA LEU A 161 1.69 3.02 -2.25
C LEU A 161 0.90 4.30 -2.47
N THR A 162 -0.35 4.37 -1.97
CA THR A 162 -1.25 5.48 -2.21
C THR A 162 -1.93 5.94 -0.91
N ASP A 163 -2.80 6.97 -1.04
CA ASP A 163 -3.65 7.54 0.00
C ASP A 163 -2.83 8.06 1.17
N PHE A 164 -2.51 9.35 1.13
CA PHE A 164 -1.76 9.97 2.21
C PHE A 164 -2.75 10.62 3.16
N GLY A 165 -3.97 10.10 3.17
CA GLY A 165 -5.05 10.73 3.90
C GLY A 165 -5.04 10.39 5.39
N PHE A 166 -4.00 9.71 5.88
CA PHE A 166 -3.79 9.62 7.31
C PHE A 166 -2.32 9.84 7.66
N ALA A 167 -1.56 10.32 6.68
CA ALA A 167 -0.18 10.63 6.93
C ALA A 167 -0.06 11.70 8.02
N LYS A 168 1.09 11.75 8.71
CA LYS A 168 1.45 12.89 9.54
C LYS A 168 2.94 12.84 9.88
N GLU A 169 3.52 13.99 10.24
CA GLU A 169 4.93 14.05 10.62
C GLU A 169 5.10 13.46 12.01
N THR A 170 6.21 12.77 12.25
CA THR A 170 6.33 11.99 13.46
C THR A 170 7.57 12.40 14.23
N THR A 171 7.45 13.47 15.01
CA THR A 171 8.57 13.88 15.86
C THR A 171 9.03 12.68 16.66
N LYS A 195 6.79 9.11 17.50
CA LYS A 195 7.77 8.01 17.22
C LYS A 195 6.97 6.77 16.91
N TYR A 196 6.11 6.42 17.88
CA TYR A 196 5.32 5.20 17.82
C TYR A 196 4.18 5.34 16.82
N ASP A 197 4.10 6.48 16.14
CA ASP A 197 3.13 6.63 15.07
C ASP A 197 3.56 5.74 13.90
N LYS A 198 4.88 5.58 13.76
CA LYS A 198 5.42 4.72 12.74
C LYS A 198 5.04 3.26 12.97
N SER A 199 4.68 2.90 14.22
CA SER A 199 4.48 1.50 14.56
C SER A 199 3.40 0.85 13.71
N CYS A 200 2.34 1.58 13.35
CA CYS A 200 1.24 0.90 12.70
C CYS A 200 1.58 0.68 11.24
N ASP A 201 2.53 1.45 10.72
CA ASP A 201 3.06 1.08 9.43
C ASP A 201 3.68 -0.32 9.48
N MET A 202 4.29 -0.67 10.61
CA MET A 202 5.01 -1.92 10.70
C MET A 202 4.05 -3.09 10.96
N TRP A 203 3.05 -2.81 11.82
CA TRP A 203 1.91 -3.69 12.00
C TRP A 203 1.23 -3.98 10.65
N SER A 204 1.14 -2.97 9.76
CA SER A 204 0.55 -3.22 8.46
C SER A 204 1.44 -4.18 7.67
N LEU A 205 2.75 -3.90 7.68
CA LEU A 205 3.71 -4.80 7.06
C LEU A 205 3.51 -6.23 7.56
N GLY A 206 3.40 -6.39 8.87
CA GLY A 206 3.13 -7.70 9.44
C GLY A 206 1.93 -8.36 8.76
N VAL A 207 0.85 -7.61 8.61
CA VAL A 207 -0.40 -8.20 8.16
C VAL A 207 -0.30 -8.57 6.69
N ILE A 208 0.24 -7.66 5.90
CA ILE A 208 0.36 -7.86 4.48
C ILE A 208 1.29 -9.04 4.23
N MET A 209 2.41 -9.06 4.95
CA MET A 209 3.33 -10.17 4.83
C MET A 209 2.60 -11.48 5.09
N TYR A 210 1.87 -11.55 6.21
CA TYR A 210 1.17 -12.75 6.62
C TYR A 210 0.18 -13.18 5.54
N ILE A 211 -0.56 -12.24 4.94
CA ILE A 211 -1.55 -12.57 3.91
C ILE A 211 -0.85 -13.11 2.66
N LEU A 212 0.16 -12.39 2.17
CA LEU A 212 1.01 -12.90 1.10
C LEU A 212 1.45 -14.34 1.36
N LEU A 213 1.64 -14.73 2.62
CA LEU A 213 2.23 -16.02 2.86
C LEU A 213 1.17 -17.11 2.89
N CYS A 214 -0.10 -16.77 3.06
CA CYS A 214 -1.08 -17.83 3.26
C CYS A 214 -2.43 -17.56 2.61
N GLY A 215 -2.76 -16.29 2.34
CA GLY A 215 -4.02 -15.92 1.70
C GLY A 215 -5.05 -15.37 2.67
N TYR A 216 -4.86 -15.49 3.99
CA TYR A 216 -5.82 -14.94 4.94
C TYR A 216 -5.07 -14.08 5.96
N PRO A 217 -5.72 -13.08 6.59
CA PRO A 217 -5.06 -12.27 7.62
C PRO A 217 -4.91 -13.00 8.97
N PRO A 218 -4.03 -12.52 9.88
CA PRO A 218 -3.89 -13.13 11.20
C PRO A 218 -4.89 -12.52 12.18
N PHE A 219 -6.17 -12.49 11.79
CA PHE A 219 -7.24 -11.95 12.62
C PHE A 219 -8.06 -13.09 13.21
N TYR A 220 -8.72 -12.88 14.35
CA TYR A 220 -9.55 -13.91 14.98
C TYR A 220 -11.00 -13.72 14.55
N PRO A 229 -19.60 -18.65 7.49
CA PRO A 229 -20.79 -19.45 7.14
C PRO A 229 -20.93 -19.69 5.63
N GLY A 230 -20.80 -20.96 5.21
CA GLY A 230 -20.53 -21.30 3.83
C GLY A 230 -19.04 -21.59 3.59
N MET A 231 -18.12 -20.91 4.30
CA MET A 231 -16.68 -20.98 4.03
C MET A 231 -15.95 -21.65 5.20
N LYS A 232 -14.64 -21.85 5.06
CA LYS A 232 -13.82 -22.39 6.15
C LYS A 232 -13.46 -21.30 7.15
N THR A 233 -13.33 -21.67 8.43
CA THR A 233 -12.59 -20.87 9.39
C THR A 233 -11.10 -21.12 9.18
N ARG A 234 -10.30 -20.06 9.07
CA ARG A 234 -8.87 -20.21 8.77
C ARG A 234 -8.05 -20.20 10.06
N ILE A 235 -8.35 -19.27 10.94
CA ILE A 235 -7.65 -19.22 12.26
C ILE A 235 -8.74 -19.33 13.33
N ARG A 236 -8.82 -20.47 13.98
CA ARG A 236 -9.79 -20.63 15.09
C ARG A 236 -9.45 -19.57 16.14
N MET A 237 -10.45 -19.11 16.87
CA MET A 237 -10.20 -18.02 17.84
C MET A 237 -9.24 -18.47 18.93
N GLY A 238 -8.25 -17.63 19.21
CA GLY A 238 -7.31 -17.91 20.29
C GLY A 238 -6.22 -18.93 19.95
N GLN A 239 -6.31 -19.60 18.78
CA GLN A 239 -5.38 -20.67 18.41
C GLN A 239 -4.06 -20.10 17.88
N TYR A 240 -3.05 -20.98 17.84
CA TYR A 240 -1.75 -20.72 17.23
C TYR A 240 -1.90 -19.97 15.90
N GLU A 241 -0.99 -18.99 15.74
CA GLU A 241 -1.07 -17.89 14.77
C GLU A 241 -0.69 -18.34 13.34
N PHE A 242 -0.08 -19.52 13.19
CA PHE A 242 0.32 -20.04 11.88
C PHE A 242 -0.22 -21.44 11.64
N PRO A 243 -1.52 -21.59 11.30
CA PRO A 243 -2.11 -22.91 11.05
C PRO A 243 -1.39 -23.75 10.00
N ASN A 244 -1.33 -25.06 10.21
CA ASN A 244 -0.44 -25.94 9.45
C ASN A 244 -0.82 -26.11 7.98
N PRO A 245 -2.08 -26.43 7.62
CA PRO A 245 -2.42 -26.64 6.20
C PRO A 245 -1.52 -25.80 5.30
N GLU A 246 -1.44 -24.48 5.55
CA GLU A 246 -0.76 -23.54 4.67
C GLU A 246 0.58 -23.04 5.20
N TRP A 247 0.89 -23.26 6.48
CA TRP A 247 2.09 -22.66 7.06
C TRP A 247 3.15 -23.72 7.32
N SER A 248 2.88 -24.98 6.95
CA SER A 248 3.69 -26.09 7.40
C SER A 248 5.10 -25.97 6.81
N GLU A 249 5.25 -25.38 5.61
CA GLU A 249 6.54 -25.32 4.93
C GLU A 249 7.23 -23.96 5.10
N VAL A 250 6.67 -23.08 5.92
CA VAL A 250 7.28 -21.79 6.18
C VAL A 250 8.19 -21.93 7.40
N SER A 251 9.43 -21.44 7.26
CA SER A 251 10.46 -21.52 8.29
C SER A 251 10.15 -20.71 9.54
N GLU A 252 10.67 -21.17 10.68
CA GLU A 252 10.58 -20.41 11.91
C GLU A 252 11.18 -19.02 11.73
N GLU A 253 12.33 -18.91 11.06
CA GLU A 253 12.94 -17.63 10.75
C GLU A 253 11.90 -16.61 10.26
N VAL A 254 11.04 -17.04 9.33
CA VAL A 254 10.04 -16.17 8.75
C VAL A 254 8.85 -15.95 9.70
N LYS A 255 8.45 -16.98 10.46
CA LYS A 255 7.43 -16.80 11.50
C LYS A 255 7.91 -15.82 12.56
N MET A 256 9.22 -15.87 12.87
CA MET A 256 9.78 -14.98 13.85
C MET A 256 9.71 -13.54 13.35
N LEU A 257 10.06 -13.32 12.08
CA LEU A 257 10.01 -11.99 11.51
C LEU A 257 8.59 -11.46 11.61
N ILE A 258 7.60 -12.32 11.41
CA ILE A 258 6.22 -11.88 11.42
C ILE A 258 5.75 -11.54 12.83
N ARG A 259 6.16 -12.34 13.82
CA ARG A 259 5.75 -12.12 15.19
C ARG A 259 6.30 -10.78 15.66
N ASN A 260 7.47 -10.40 15.11
CA ASN A 260 8.15 -9.18 15.49
C ASN A 260 7.44 -7.96 14.91
N LEU A 261 6.80 -8.12 13.76
CA LEU A 261 6.12 -7.01 13.12
C LEU A 261 4.77 -6.80 13.77
N LEU A 262 4.17 -7.90 14.24
CA LEU A 262 2.82 -7.85 14.83
C LEU A 262 2.88 -7.69 16.34
N LYS A 263 4.07 -7.51 16.91
CA LYS A 263 4.21 -7.41 18.35
C LYS A 263 3.17 -6.44 18.91
N THR A 264 2.47 -6.89 19.96
CA THR A 264 1.35 -6.16 20.53
C THR A 264 1.82 -4.79 21.00
N GLU A 265 2.92 -4.77 21.77
CA GLU A 265 3.38 -3.52 22.32
C GLU A 265 4.23 -2.79 21.27
N PRO A 266 3.90 -1.53 20.93
CA PRO A 266 4.74 -0.76 20.00
C PRO A 266 6.16 -0.56 20.49
N THR A 267 6.35 -0.49 21.81
CA THR A 267 7.68 -0.35 22.36
C THR A 267 8.53 -1.54 21.94
N GLN A 268 7.91 -2.62 21.47
CA GLN A 268 8.68 -3.84 21.24
C GLN A 268 8.51 -4.36 19.82
N ARG A 269 7.99 -3.52 18.94
CA ARG A 269 7.64 -3.97 17.60
C ARG A 269 8.81 -3.69 16.67
N MET A 270 8.95 -4.47 15.63
CA MET A 270 10.07 -4.27 14.73
C MET A 270 10.03 -2.87 14.15
N THR A 271 11.21 -2.31 13.86
CA THR A 271 11.30 -1.01 13.22
C THR A 271 11.65 -1.23 11.74
N ILE A 272 11.55 -0.17 10.93
CA ILE A 272 11.78 -0.31 9.50
C ILE A 272 13.24 -0.65 9.21
N THR A 273 14.15 -0.16 10.07
CA THR A 273 15.57 -0.40 9.90
C THR A 273 15.85 -1.90 10.07
N GLU A 274 15.18 -2.50 11.07
CA GLU A 274 15.36 -3.90 11.38
C GLU A 274 14.80 -4.74 10.25
N PHE A 275 13.65 -4.30 9.72
CA PHE A 275 12.98 -5.01 8.65
C PHE A 275 13.87 -5.05 7.41
N MET A 276 14.34 -3.90 6.94
CA MET A 276 15.06 -3.86 5.67
C MET A 276 16.47 -4.46 5.80
N ASN A 277 16.94 -4.66 7.05
CA ASN A 277 18.20 -5.33 7.29
C ASN A 277 18.04 -6.84 7.49
N HIS A 278 16.80 -7.32 7.68
CA HIS A 278 16.54 -8.74 7.79
C HIS A 278 16.94 -9.50 6.50
N PRO A 279 17.67 -10.64 6.62
CA PRO A 279 18.13 -11.42 5.48
C PRO A 279 17.07 -11.72 4.41
N TRP A 280 15.86 -12.03 4.87
CA TRP A 280 14.79 -12.51 4.03
C TRP A 280 14.29 -11.42 3.09
N ILE A 281 14.33 -10.17 3.58
CA ILE A 281 14.00 -9.00 2.80
C ILE A 281 15.22 -8.61 1.96
N MET A 282 16.35 -8.46 2.65
CA MET A 282 17.58 -7.99 2.04
C MET A 282 18.07 -8.86 0.87
N GLN A 283 17.94 -10.19 0.96
CA GLN A 283 18.44 -11.08 -0.07
C GLN A 283 17.31 -11.96 -0.56
N SER A 284 16.42 -11.42 -1.40
CA SER A 284 15.24 -12.17 -1.79
C SER A 284 15.62 -13.30 -2.75
N THR A 285 16.77 -13.19 -3.40
CA THR A 285 17.20 -14.16 -4.40
C THR A 285 17.57 -15.48 -3.74
N LYS A 286 17.87 -15.44 -2.44
CA LYS A 286 18.24 -16.63 -1.69
C LYS A 286 17.01 -17.18 -0.93
N VAL A 287 15.83 -16.64 -1.24
CA VAL A 287 14.65 -17.05 -0.52
C VAL A 287 14.08 -18.24 -1.27
N PRO A 288 13.89 -19.37 -0.58
CA PRO A 288 13.22 -20.54 -1.15
C PRO A 288 12.00 -20.19 -1.98
N GLN A 289 11.88 -20.86 -3.13
CA GLN A 289 10.69 -20.73 -3.95
C GLN A 289 9.59 -21.66 -3.43
N THR A 290 9.33 -21.58 -2.13
CA THR A 290 8.35 -22.44 -1.49
C THR A 290 6.99 -22.18 -2.12
N PRO A 291 6.26 -23.20 -2.63
CA PRO A 291 4.89 -23.02 -3.12
C PRO A 291 3.88 -22.72 -2.01
N LEU A 292 3.42 -21.47 -1.97
CA LEU A 292 2.46 -21.03 -0.98
C LEU A 292 1.04 -21.37 -1.43
N HIS A 293 0.11 -21.34 -0.48
CA HIS A 293 -1.28 -21.62 -0.75
C HIS A 293 -2.02 -20.34 -1.17
N THR A 294 -1.33 -19.20 -1.19
CA THR A 294 -1.95 -17.89 -1.17
C THR A 294 -3.00 -17.72 -2.29
N SER A 295 -2.65 -18.05 -3.53
CA SER A 295 -3.51 -17.70 -4.66
C SER A 295 -4.77 -18.57 -4.64
N ARG A 296 -4.62 -19.82 -4.23
CA ARG A 296 -5.77 -20.71 -4.13
C ARG A 296 -6.72 -20.21 -3.05
N VAL A 297 -6.19 -19.64 -1.97
CA VAL A 297 -7.04 -19.26 -0.85
C VAL A 297 -7.82 -17.98 -1.17
N LEU A 298 -7.14 -16.99 -1.74
CA LEU A 298 -7.78 -15.73 -2.07
C LEU A 298 -8.98 -15.96 -2.99
N LYS A 299 -8.91 -17.03 -3.82
CA LYS A 299 -9.98 -17.41 -4.75
C LYS A 299 -11.11 -18.12 -4.01
N GLU A 300 -10.73 -19.06 -3.15
CA GLU A 300 -11.70 -19.77 -2.32
C GLU A 300 -12.46 -18.78 -1.44
N ASP A 301 -11.74 -17.93 -0.70
CA ASP A 301 -12.33 -17.02 0.27
C ASP A 301 -12.51 -15.64 -0.34
N LYS A 302 -13.20 -15.56 -1.49
CA LYS A 302 -13.34 -14.31 -2.22
C LYS A 302 -14.48 -13.46 -1.65
N GLU A 303 -15.47 -14.12 -1.06
CA GLU A 303 -16.63 -13.44 -0.53
C GLU A 303 -16.24 -12.66 0.71
N ARG A 304 -15.18 -13.13 1.37
CA ARG A 304 -14.75 -12.59 2.65
C ARG A 304 -13.82 -11.40 2.44
N TRP A 305 -13.31 -11.19 1.22
CA TRP A 305 -12.27 -10.21 1.04
C TRP A 305 -12.76 -8.82 1.48
N GLU A 306 -13.99 -8.45 1.10
CA GLU A 306 -14.51 -7.20 1.61
C GLU A 306 -14.36 -7.21 3.13
N ASP A 307 -14.74 -8.32 3.76
CA ASP A 307 -14.70 -8.41 5.21
C ASP A 307 -13.27 -8.33 5.72
N VAL A 308 -12.31 -8.97 5.06
CA VAL A 308 -10.92 -8.86 5.49
C VAL A 308 -10.59 -7.38 5.56
N LYS A 309 -10.72 -6.68 4.41
CA LYS A 309 -10.33 -5.30 4.27
C LYS A 309 -10.98 -4.41 5.34
N GLU A 310 -12.21 -4.73 5.73
CA GLU A 310 -12.95 -3.90 6.67
C GLU A 310 -12.41 -4.10 8.09
N GLU A 311 -12.05 -5.35 8.40
CA GLU A 311 -11.51 -5.71 9.70
C GLU A 311 -10.15 -5.02 9.87
N MET A 312 -9.37 -4.99 8.78
CA MET A 312 -8.09 -4.30 8.81
C MET A 312 -8.34 -2.81 8.98
N THR A 313 -9.35 -2.28 8.28
CA THR A 313 -9.52 -0.84 8.34
C THR A 313 -9.94 -0.44 9.76
N SER A 314 -10.84 -1.24 10.36
CA SER A 314 -11.31 -1.00 11.71
C SER A 314 -10.14 -1.03 12.66
N ALA A 315 -9.37 -2.12 12.56
CA ALA A 315 -8.21 -2.35 13.41
C ALA A 315 -7.27 -1.16 13.35
N LEU A 316 -7.06 -0.61 12.14
CA LEU A 316 -6.14 0.50 11.94
C LEU A 316 -6.55 1.71 12.76
N ALA A 317 -7.86 2.03 12.76
CA ALA A 317 -8.38 3.15 13.52
C ALA A 317 -8.16 2.99 15.02
N THR A 318 -8.00 1.77 15.55
CA THR A 318 -7.65 1.64 16.96
C THR A 318 -6.13 1.62 17.16
N MET A 319 -5.33 1.23 16.16
CA MET A 319 -3.88 1.14 16.28
C MET A 319 -3.19 2.51 16.14
N ARG A 320 -3.67 3.34 15.20
CA ARG A 320 -3.12 4.67 14.97
C ARG A 320 -3.09 5.45 16.29
#